data_1F58
#
_entry.id   1F58
#
_cell.length_a   72.890
_cell.length_b   71.910
_cell.length_c   88.250
_cell.angle_alpha   90.00
_cell.angle_beta   98.31
_cell.angle_gamma   90.00
#
_symmetry.space_group_name_H-M   'C 1 2 1'
#
loop_
_entity.id
_entity.type
_entity.pdbx_description
1 polymer 'PROTEIN (IGG1 ANTIBODY 58.2 (LIGHT CHAIN))'
2 polymer 'PROTEIN (IGG1 ANTIBODY 58.2 (HEAVY CHAIN))'
3 polymer 'Envelope glycoprotein gp120'
4 water water
#
loop_
_entity_poly.entity_id
_entity_poly.type
_entity_poly.pdbx_seq_one_letter_code
_entity_poly.pdbx_strand_id
1 'polypeptide(L)'
;DIVLTQSPASLAVSLGQRATISCKASQGVDFDGASFMNWYQQKPGQPPKLLIFAASTLESGIPARFSGRGSGTDFTLNIH
PVEEEDAATYYCQQSHEDPLTFGAGTKLELKRADAAPTVSIFPPSSEQLTSGGASVVCFLNNFYPKDINVKWKIDGSERQ
NGVLNSWTDQDSKDSTYSMSSTLTLTKDEYERHNSYTCEATHKTSTSPIVKSFNRA
;
L
2 'polypeptide(L)'
;DVQLQQSGPDLVKPSQSLSLTCTVTGYSITSGYSWHWIRQFPGNKLEWMGYIHYSAGTNYNPSLKSRISITRDTSKNQFF
LQLNSVTTEDTATYYCAREEAMPYGNQAYYYAMDCWGQGTTVTVSSAKTTPPSVYPLAPGSAAQTNSMVTLGCLVKGYFP
EPVTVTWNSGSLSSGVHTFPAVLQSDLYTLSSSVTVPSSPRPSETVTCNVAHPASSTKVDKKIVPRDC
;
H
3 'polypeptide(L)' YNKRKRIHIGPGR(AIB)FYTTKNIIG P
#
# COMPACT_ATOMS: atom_id res chain seq x y z
N ASP A 1 -23.17 0.42 13.29
CA ASP A 1 -21.94 1.19 13.06
C ASP A 1 -22.30 2.25 12.08
N ILE A 2 -21.61 3.38 12.12
CA ILE A 2 -21.87 4.45 11.18
C ILE A 2 -20.92 4.12 10.03
N VAL A 3 -21.49 3.92 8.85
CA VAL A 3 -20.70 3.59 7.68
C VAL A 3 -20.47 4.86 6.86
N LEU A 4 -19.20 5.13 6.54
CA LEU A 4 -18.82 6.31 5.78
C LEU A 4 -18.50 5.89 4.37
N THR A 5 -19.11 6.55 3.39
CA THR A 5 -18.92 6.24 2.00
C THR A 5 -18.29 7.43 1.33
N GLN A 6 -17.10 7.24 0.78
CA GLN A 6 -16.42 8.32 0.10
C GLN A 6 -16.65 8.24 -1.39
N SER A 7 -16.57 9.40 -2.04
CA SER A 7 -16.77 9.46 -3.49
C SER A 7 -15.91 10.59 -4.07
N PRO A 8 -15.13 10.39 -5.13
CA PRO A 8 -15.07 9.05 -5.81
C PRO A 8 -13.96 8.33 -5.04
N ALA A 9 -13.64 7.12 -5.46
CA ALA A 9 -12.57 6.34 -4.83
C ALA A 9 -11.20 6.81 -5.30
N SER A 10 -11.15 7.38 -6.50
CA SER A 10 -9.91 7.88 -7.09
C SER A 10 -10.27 9.13 -7.86
N LEU A 11 -9.38 10.12 -7.86
CA LEU A 11 -9.64 11.38 -8.54
C LEU A 11 -8.35 11.86 -9.17
N ALA A 12 -8.34 12.06 -10.48
CA ALA A 12 -7.14 12.52 -11.18
C ALA A 12 -7.32 14.00 -11.44
N VAL A 13 -6.42 14.82 -10.94
CA VAL A 13 -6.53 16.26 -11.11
C VAL A 13 -5.25 16.92 -11.62
N SER A 14 -5.37 18.06 -12.28
CA SER A 14 -4.19 18.76 -12.77
C SER A 14 -3.80 19.78 -11.72
N LEU A 15 -2.55 20.20 -11.70
CA LEU A 15 -2.12 21.20 -10.72
C LEU A 15 -2.90 22.49 -10.92
N GLY A 16 -3.19 23.17 -9.82
CA GLY A 16 -3.95 24.42 -9.86
C GLY A 16 -5.45 24.26 -9.96
N GLN A 17 -5.90 23.04 -10.18
CA GLN A 17 -7.31 22.74 -10.32
C GLN A 17 -8.01 22.57 -8.96
N ARG A 18 -9.33 22.52 -8.96
CA ARG A 18 -10.08 22.32 -7.72
C ARG A 18 -10.45 20.84 -7.61
N ALA A 19 -10.26 20.28 -6.42
CA ALA A 19 -10.63 18.89 -6.18
C ALA A 19 -11.69 18.89 -5.07
N THR A 20 -12.73 18.09 -5.25
CA THR A 20 -13.79 17.99 -4.25
C THR A 20 -13.96 16.51 -3.98
N ILE A 21 -13.90 16.14 -2.70
CA ILE A 21 -14.06 14.74 -2.27
C ILE A 21 -15.22 14.72 -1.29
N SER A 22 -16.18 13.83 -1.53
CA SER A 22 -17.35 13.69 -0.67
C SER A 22 -17.27 12.54 0.32
N CYS A 23 -18.03 12.69 1.42
CA CYS A 23 -18.12 11.68 2.46
C CYS A 23 -19.55 11.68 2.96
N LYS A 24 -20.20 10.54 2.83
CA LYS A 24 -21.60 10.37 3.21
C LYS A 24 -21.67 9.39 4.39
N ALA A 25 -22.32 9.82 5.45
CA ALA A 25 -22.50 9.00 6.65
C ALA A 25 -23.86 8.28 6.59
N SER A 26 -23.91 7.07 7.13
CA SER A 26 -25.13 6.27 7.13
C SER A 26 -26.19 6.82 8.09
N GLN A 27 -25.82 7.74 8.96
CA GLN A 27 -26.74 8.38 9.89
C GLN A 27 -26.07 9.66 10.37
N GLY A 28 -26.86 10.65 10.75
CA GLY A 28 -26.31 11.93 11.17
C GLY A 28 -25.20 11.90 12.19
N VAL A 29 -24.23 12.77 12.04
CA VAL A 29 -23.11 12.87 12.97
C VAL A 29 -23.09 14.23 13.69
N ASP A 30 -24.20 14.94 13.65
CA ASP A 30 -24.36 16.24 14.30
C ASP A 30 -24.86 16.04 15.72
N PHE A 31 -24.45 16.89 16.65
CA PHE A 31 -24.92 16.79 18.02
C PHE A 31 -24.51 17.97 18.86
N ASP A 32 -25.51 18.57 19.50
CA ASP A 32 -25.30 19.67 20.43
C ASP A 32 -24.27 20.75 20.00
N GLY A 33 -24.38 21.24 18.78
CA GLY A 33 -23.44 22.27 18.33
C GLY A 33 -22.14 21.84 17.67
N ALA A 34 -22.06 20.60 17.20
CA ALA A 34 -20.87 20.15 16.49
C ALA A 34 -21.18 19.01 15.55
N SER A 35 -20.46 18.95 14.44
CA SER A 35 -20.60 17.89 13.47
C SER A 35 -19.30 17.12 13.71
N PHE A 36 -19.44 15.85 14.06
CA PHE A 36 -18.31 15.01 14.39
C PHE A 36 -17.70 14.29 13.20
N MET A 37 -17.22 15.06 12.23
CA MET A 37 -16.60 14.52 11.03
C MET A 37 -15.23 15.15 10.87
N ASN A 38 -14.20 14.32 10.79
CA ASN A 38 -12.84 14.79 10.65
C ASN A 38 -12.24 14.21 9.38
N TRP A 39 -11.18 14.83 8.88
CA TRP A 39 -10.51 14.38 7.65
C TRP A 39 -9.04 14.16 7.89
N TYR A 40 -8.51 13.07 7.33
CA TYR A 40 -7.08 12.75 7.43
C TYR A 40 -6.47 12.65 6.03
N GLN A 41 -5.18 12.96 5.95
CA GLN A 41 -4.46 12.88 4.69
C GLN A 41 -3.37 11.87 4.97
N GLN A 42 -3.11 10.99 4.01
CA GLN A 42 -2.04 10.00 4.21
C GLN A 42 -1.21 9.84 2.97
N LYS A 43 0.07 10.11 3.11
CA LYS A 43 1.00 9.94 2.01
C LYS A 43 1.63 8.56 2.20
N PRO A 44 2.01 7.89 1.10
CA PRO A 44 2.60 6.56 1.24
C PRO A 44 3.81 6.53 2.17
N GLY A 45 3.83 5.53 3.03
CA GLY A 45 4.89 5.36 3.99
C GLY A 45 4.81 6.30 5.16
N GLN A 46 3.65 6.91 5.36
CA GLN A 46 3.44 7.86 6.46
C GLN A 46 2.13 7.58 7.17
N PRO A 47 2.03 7.97 8.44
CA PRO A 47 0.77 7.72 9.14
C PRO A 47 -0.23 8.83 8.74
N PRO A 48 -1.52 8.60 8.98
CA PRO A 48 -2.52 9.63 8.64
C PRO A 48 -2.19 10.91 9.44
N LYS A 49 -2.43 12.08 8.85
CA LYS A 49 -2.18 13.36 9.50
C LYS A 49 -3.52 14.06 9.54
N LEU A 50 -3.91 14.55 10.71
CA LEU A 50 -5.18 15.24 10.84
C LEU A 50 -5.18 16.55 10.04
N LEU A 51 -6.20 16.72 9.21
CA LEU A 51 -6.32 17.93 8.39
C LEU A 51 -7.38 18.89 8.89
N ILE A 52 -8.58 18.35 9.04
CA ILE A 52 -9.74 19.12 9.45
C ILE A 52 -10.49 18.33 10.50
N PHE A 53 -11.02 19.04 11.50
CA PHE A 53 -11.81 18.40 12.55
C PHE A 53 -13.09 19.17 12.71
N ALA A 54 -14.11 18.53 13.24
CA ALA A 54 -15.40 19.18 13.45
C ALA A 54 -15.93 19.76 12.15
N ALA A 55 -15.81 18.97 11.10
CA ALA A 55 -16.28 19.35 9.78
C ALA A 55 -15.53 20.43 9.00
N SER A 56 -15.31 21.60 9.61
CA SER A 56 -14.68 22.72 8.92
C SER A 56 -13.48 23.40 9.55
N THR A 57 -12.95 22.89 10.65
CA THR A 57 -11.81 23.56 11.27
C THR A 57 -10.47 22.99 10.87
N LEU A 58 -9.59 23.83 10.35
CA LEU A 58 -8.26 23.39 9.95
C LEU A 58 -7.38 23.22 11.14
N GLU A 59 -6.59 22.15 11.14
CA GLU A 59 -5.63 21.90 12.20
C GLU A 59 -4.51 22.94 11.97
N SER A 60 -3.73 23.24 13.00
CA SER A 60 -2.64 24.21 12.89
C SER A 60 -1.60 23.78 11.87
N GLY A 61 -1.18 24.73 11.04
CA GLY A 61 -0.18 24.39 10.06
C GLY A 61 -0.69 23.93 8.72
N ILE A 62 -1.96 23.56 8.63
CA ILE A 62 -2.53 23.11 7.36
C ILE A 62 -2.87 24.37 6.57
N PRO A 63 -2.47 24.43 5.29
CA PRO A 63 -2.79 25.64 4.52
C PRO A 63 -4.27 25.80 4.15
N ALA A 64 -4.67 27.06 4.01
CA ALA A 64 -6.03 27.44 3.67
C ALA A 64 -6.58 26.89 2.38
N ARG A 65 -5.74 26.20 1.59
CA ARG A 65 -6.18 25.61 0.31
C ARG A 65 -7.18 24.49 0.61
N PHE A 66 -7.13 23.98 1.84
CA PHE A 66 -8.05 22.95 2.26
C PHE A 66 -9.25 23.57 2.98
N SER A 67 -10.45 23.14 2.62
CA SER A 67 -11.65 23.64 3.28
C SER A 67 -12.62 22.48 3.43
N GLY A 68 -13.28 22.42 4.56
CA GLY A 68 -14.23 21.37 4.77
C GLY A 68 -15.57 22.00 5.03
N ARG A 69 -16.64 21.37 4.55
CA ARG A 69 -17.96 21.89 4.78
C ARG A 69 -18.96 20.75 4.78
N GLY A 70 -20.13 21.00 5.35
CA GLY A 70 -21.17 19.98 5.39
C GLY A 70 -21.78 19.86 6.77
N SER A 71 -22.82 19.05 6.86
CA SER A 71 -23.48 18.82 8.13
C SER A 71 -24.41 17.64 7.94
N GLY A 72 -24.87 17.07 9.06
CA GLY A 72 -25.79 15.97 8.99
C GLY A 72 -25.13 14.70 8.54
N THR A 73 -25.34 14.35 7.27
CA THR A 73 -24.78 13.14 6.70
C THR A 73 -23.86 13.41 5.53
N ASP A 74 -23.91 14.62 4.99
CA ASP A 74 -23.12 14.98 3.82
C ASP A 74 -21.99 15.97 4.08
N PHE A 75 -20.77 15.54 3.77
CA PHE A 75 -19.57 16.34 3.98
C PHE A 75 -18.68 16.33 2.74
N THR A 76 -17.91 17.39 2.55
CA THR A 76 -17.00 17.51 1.43
C THR A 76 -15.69 18.12 1.87
N LEU A 77 -14.62 17.70 1.21
CA LEU A 77 -13.29 18.24 1.47
C LEU A 77 -12.96 18.90 0.14
N ASN A 78 -12.47 20.12 0.16
CA ASN A 78 -12.12 20.81 -1.08
C ASN A 78 -10.70 21.26 -1.00
N ILE A 79 -10.01 21.16 -2.14
CA ILE A 79 -8.62 21.58 -2.22
C ILE A 79 -8.57 22.46 -3.45
N HIS A 80 -8.18 23.72 -3.25
CA HIS A 80 -8.08 24.65 -4.35
C HIS A 80 -7.15 25.78 -3.97
N PRO A 81 -6.04 25.94 -4.71
CA PRO A 81 -5.72 25.08 -5.87
C PRO A 81 -4.94 23.83 -5.49
N VAL A 82 -5.07 22.77 -6.28
CA VAL A 82 -4.33 21.52 -6.02
C VAL A 82 -2.84 21.73 -6.30
N GLU A 83 -1.99 21.22 -5.42
CA GLU A 83 -0.56 21.33 -5.57
C GLU A 83 0.02 19.93 -5.63
N GLU A 84 1.24 19.85 -6.11
CA GLU A 84 1.96 18.58 -6.26
C GLU A 84 1.95 17.77 -4.97
N GLU A 85 2.22 18.45 -3.86
CA GLU A 85 2.28 17.82 -2.57
C GLU A 85 0.94 17.28 -2.06
N ASP A 86 -0.14 17.55 -2.78
CA ASP A 86 -1.44 17.11 -2.33
C ASP A 86 -1.83 15.71 -2.72
N ALA A 87 -1.05 15.11 -3.62
CA ALA A 87 -1.29 13.74 -4.06
C ALA A 87 -1.19 12.90 -2.80
N ALA A 88 -2.28 12.22 -2.46
CA ALA A 88 -2.29 11.45 -1.22
C ALA A 88 -3.63 10.80 -1.13
N THR A 89 -3.81 10.00 -0.08
CA THR A 89 -5.09 9.37 0.14
C THR A 89 -5.76 10.18 1.26
N TYR A 90 -7.03 10.48 1.09
CA TYR A 90 -7.78 11.28 2.06
C TYR A 90 -8.89 10.44 2.63
N TYR A 91 -9.07 10.51 3.94
CA TYR A 91 -10.11 9.76 4.63
C TYR A 91 -10.98 10.64 5.52
N CYS A 92 -12.28 10.37 5.54
CA CYS A 92 -13.16 11.09 6.46
C CYS A 92 -13.31 10.11 7.63
N GLN A 93 -13.57 10.62 8.82
CA GLN A 93 -13.67 9.79 10.00
C GLN A 93 -14.68 10.39 10.99
N GLN A 94 -15.61 9.57 11.46
CA GLN A 94 -16.63 10.06 12.39
C GLN A 94 -16.32 9.73 13.84
N SER A 95 -16.55 10.71 14.71
CA SER A 95 -16.31 10.63 16.15
C SER A 95 -17.62 10.82 16.91
N HIS A 96 -18.74 10.59 16.25
CA HIS A 96 -20.07 10.74 16.84
C HIS A 96 -20.35 9.65 17.86
N GLU A 97 -19.80 8.46 17.63
CA GLU A 97 -19.99 7.33 18.52
C GLU A 97 -18.88 6.31 18.36
N ASP A 98 -18.80 5.38 19.30
CA ASP A 98 -17.86 4.27 19.23
C ASP A 98 -18.71 3.15 18.69
N PRO A 99 -18.22 2.26 17.75
CA PRO A 99 -16.83 2.38 17.27
C PRO A 99 -16.59 3.53 16.30
N LEU A 100 -15.41 4.14 16.41
CA LEU A 100 -15.02 5.21 15.51
C LEU A 100 -14.78 4.51 14.17
N THR A 101 -15.22 5.12 13.08
CA THR A 101 -15.07 4.50 11.77
C THR A 101 -14.51 5.50 10.77
N PHE A 102 -13.87 4.97 9.74
CA PHE A 102 -13.26 5.75 8.68
C PHE A 102 -13.90 5.37 7.35
N GLY A 103 -13.77 6.25 6.37
CA GLY A 103 -14.27 5.92 5.06
C GLY A 103 -13.15 5.12 4.43
N ALA A 104 -13.42 4.49 3.29
CA ALA A 104 -12.41 3.67 2.63
C ALA A 104 -11.26 4.47 2.02
N GLY A 105 -11.48 5.76 1.77
CA GLY A 105 -10.42 6.59 1.23
C GLY A 105 -10.57 6.99 -0.23
N THR A 106 -10.13 8.20 -0.53
CA THR A 106 -10.13 8.72 -1.89
C THR A 106 -8.68 9.02 -2.23
N LYS A 107 -8.17 8.40 -3.29
CA LYS A 107 -6.81 8.63 -3.70
C LYS A 107 -6.80 9.81 -4.68
N LEU A 108 -6.04 10.86 -4.35
CA LEU A 108 -5.91 12.02 -5.22
C LEU A 108 -4.65 11.80 -6.03
N GLU A 109 -4.80 11.63 -7.34
CA GLU A 109 -3.65 11.38 -8.19
C GLU A 109 -3.51 12.51 -9.20
N LEU A 110 -2.32 12.68 -9.73
CA LEU A 110 -2.08 13.75 -10.70
C LEU A 110 -2.34 13.34 -12.13
N LYS A 111 -3.01 14.20 -12.86
CA LYS A 111 -3.36 13.98 -14.24
C LYS A 111 -2.17 14.32 -15.14
N ARG A 112 -1.93 13.48 -16.14
CA ARG A 112 -0.86 13.71 -17.10
C ARG A 112 -1.39 13.20 -18.43
N ALA A 113 -0.59 13.38 -19.47
CA ALA A 113 -0.96 12.95 -20.83
C ALA A 113 -1.06 11.44 -20.94
N ASP A 114 -1.98 10.94 -21.72
CA ASP A 114 -2.11 9.51 -21.90
C ASP A 114 -0.76 8.96 -22.43
N ALA A 115 -0.39 7.78 -21.95
CA ALA A 115 0.84 7.13 -22.37
C ALA A 115 0.54 5.66 -22.53
N ALA A 116 0.93 5.08 -23.67
CA ALA A 116 0.72 3.66 -23.91
C ALA A 116 1.77 2.85 -23.15
N PRO A 117 1.42 1.64 -22.67
CA PRO A 117 2.41 0.86 -21.95
C PRO A 117 3.47 0.26 -22.88
N THR A 118 4.69 0.15 -22.39
CA THR A 118 5.78 -0.51 -23.13
C THR A 118 5.76 -1.96 -22.60
N VAL A 119 5.26 -2.88 -23.41
CA VAL A 119 5.11 -4.28 -23.03
C VAL A 119 6.28 -5.17 -23.41
N SER A 120 6.73 -5.99 -22.47
CA SER A 120 7.83 -6.92 -22.70
C SER A 120 7.45 -8.26 -22.10
N ILE A 121 7.65 -9.35 -22.85
CA ILE A 121 7.35 -10.68 -22.33
C ILE A 121 8.64 -11.47 -22.20
N PHE A 122 8.73 -12.32 -21.19
CA PHE A 122 9.95 -13.10 -20.95
C PHE A 122 9.70 -14.58 -20.72
N PRO A 123 10.40 -15.44 -21.48
CA PRO A 123 10.25 -16.89 -21.34
C PRO A 123 10.96 -17.26 -20.03
N PRO A 124 10.68 -18.45 -19.47
CA PRO A 124 11.32 -18.86 -18.23
C PRO A 124 12.81 -18.99 -18.47
N SER A 125 13.63 -18.66 -17.48
CA SER A 125 15.06 -18.81 -17.66
C SER A 125 15.35 -20.30 -17.53
N SER A 126 16.48 -20.74 -18.08
CA SER A 126 16.84 -22.15 -18.01
C SER A 126 17.11 -22.58 -16.57
N GLU A 127 17.59 -21.66 -15.75
CA GLU A 127 17.85 -21.99 -14.37
C GLU A 127 16.58 -22.41 -13.64
N GLN A 128 15.44 -21.85 -14.03
CA GLN A 128 14.21 -22.22 -13.35
C GLN A 128 13.66 -23.50 -13.96
N LEU A 129 13.68 -23.58 -15.28
CA LEU A 129 13.17 -24.77 -15.98
C LEU A 129 13.90 -26.05 -15.56
N THR A 130 15.22 -25.97 -15.41
CA THR A 130 15.96 -27.17 -15.02
C THR A 130 15.61 -27.62 -13.61
N SER A 131 14.91 -26.76 -12.87
CA SER A 131 14.46 -27.08 -11.52
C SER A 131 13.00 -27.52 -11.52
N GLY A 132 12.37 -27.56 -12.69
CA GLY A 132 11.00 -28.00 -12.75
C GLY A 132 9.91 -26.93 -12.70
N GLY A 133 10.27 -25.65 -12.62
CA GLY A 133 9.27 -24.62 -12.58
C GLY A 133 9.31 -23.77 -13.84
N ALA A 134 8.25 -23.04 -14.12
CA ALA A 134 8.20 -22.19 -15.31
C ALA A 134 7.35 -20.94 -15.13
N SER A 135 7.98 -19.79 -14.92
CA SER A 135 7.24 -18.56 -14.78
C SER A 135 7.46 -17.72 -16.02
N VAL A 136 6.39 -17.26 -16.63
CA VAL A 136 6.50 -16.41 -17.80
C VAL A 136 6.10 -15.02 -17.30
N VAL A 137 6.96 -14.05 -17.52
CA VAL A 137 6.74 -12.69 -17.03
C VAL A 137 6.43 -11.66 -18.08
N CYS A 138 5.53 -10.75 -17.77
CA CYS A 138 5.17 -9.70 -18.69
C CYS A 138 5.16 -8.38 -17.95
N PHE A 139 5.94 -7.43 -18.44
CA PHE A 139 6.02 -6.09 -17.86
C PHE A 139 5.23 -5.15 -18.76
N LEU A 140 4.43 -4.30 -18.15
CA LEU A 140 3.62 -3.32 -18.87
C LEU A 140 4.08 -2.06 -18.13
N ASN A 141 5.04 -1.36 -18.70
CA ASN A 141 5.61 -0.21 -18.03
C ASN A 141 5.23 1.17 -18.53
N ASN A 142 5.24 2.12 -17.60
CA ASN A 142 5.00 3.55 -17.84
C ASN A 142 3.79 3.95 -18.65
N PHE A 143 2.60 3.59 -18.19
CA PHE A 143 1.38 3.94 -18.88
C PHE A 143 0.50 4.85 -18.05
N TYR A 144 -0.44 5.46 -18.70
CA TYR A 144 -1.40 6.35 -18.06
C TYR A 144 -2.60 6.46 -18.97
N PRO A 145 -3.90 6.39 -18.58
CA PRO A 145 -4.30 6.18 -17.18
C PRO A 145 -4.09 4.79 -16.62
N LYS A 146 -4.29 4.67 -15.32
CA LYS A 146 -4.09 3.44 -14.55
C LYS A 146 -4.84 2.20 -15.04
N ASP A 147 -6.05 2.41 -15.56
CA ASP A 147 -6.87 1.30 -16.04
C ASP A 147 -6.29 0.55 -17.22
N ILE A 148 -6.12 -0.75 -17.03
CA ILE A 148 -5.56 -1.59 -18.07
C ILE A 148 -6.13 -2.99 -17.84
N ASN A 149 -6.29 -3.74 -18.92
CA ASN A 149 -6.81 -5.09 -18.84
C ASN A 149 -5.72 -5.98 -19.42
N VAL A 150 -5.23 -6.95 -18.66
CA VAL A 150 -4.18 -7.85 -19.15
C VAL A 150 -4.73 -9.26 -19.20
N LYS A 151 -4.47 -9.94 -20.30
CA LYS A 151 -4.92 -11.31 -20.51
C LYS A 151 -3.76 -12.16 -20.96
N TRP A 152 -3.69 -13.39 -20.48
CA TRP A 152 -2.66 -14.32 -20.91
C TRP A 152 -3.33 -15.31 -21.84
N LYS A 153 -2.66 -15.66 -22.90
CA LYS A 153 -3.21 -16.61 -23.83
C LYS A 153 -2.13 -17.63 -24.14
N ILE A 154 -2.51 -18.90 -24.03
CA ILE A 154 -1.60 -19.99 -24.30
C ILE A 154 -2.17 -20.72 -25.50
N ASP A 155 -1.39 -20.77 -26.58
CA ASP A 155 -1.84 -21.39 -27.81
C ASP A 155 -3.22 -20.85 -28.21
N GLY A 156 -3.41 -19.55 -28.04
CA GLY A 156 -4.66 -18.90 -28.41
C GLY A 156 -5.82 -18.88 -27.44
N SER A 157 -5.70 -19.58 -26.31
CA SER A 157 -6.79 -19.62 -25.33
C SER A 157 -6.45 -18.88 -24.04
N GLU A 158 -7.43 -18.15 -23.51
CA GLU A 158 -7.24 -17.40 -22.28
C GLU A 158 -6.91 -18.31 -21.10
N ARG A 159 -5.94 -17.90 -20.30
CA ARG A 159 -5.55 -18.66 -19.14
C ARG A 159 -5.67 -17.73 -17.95
N GLN A 160 -6.39 -18.16 -16.91
CA GLN A 160 -6.56 -17.32 -15.70
C GLN A 160 -5.97 -17.92 -14.43
N ASN A 161 -5.85 -19.24 -14.41
CA ASN A 161 -5.26 -19.92 -13.27
C ASN A 161 -3.74 -19.67 -13.33
N GLY A 162 -3.13 -19.40 -12.19
CA GLY A 162 -1.70 -19.17 -12.16
C GLY A 162 -1.23 -17.77 -12.49
N VAL A 163 -2.14 -16.81 -12.59
CA VAL A 163 -1.73 -15.45 -12.90
C VAL A 163 -1.68 -14.51 -11.71
N LEU A 164 -0.52 -13.93 -11.44
CA LEU A 164 -0.36 -12.98 -10.32
C LEU A 164 0.13 -11.64 -10.85
N ASN A 165 -0.62 -10.59 -10.54
CA ASN A 165 -0.30 -9.24 -10.97
C ASN A 165 0.16 -8.39 -9.82
N SER A 166 0.99 -7.40 -10.12
CA SER A 166 1.51 -6.48 -9.14
C SER A 166 1.58 -5.11 -9.79
N TRP A 167 1.13 -4.08 -9.09
CA TRP A 167 1.14 -2.72 -9.65
C TRP A 167 2.02 -1.80 -8.81
N THR A 168 2.59 -0.80 -9.45
CA THR A 168 3.37 0.19 -8.74
C THR A 168 2.37 1.34 -8.45
N ASP A 169 2.73 2.27 -7.57
CA ASP A 169 1.84 3.41 -7.35
C ASP A 169 2.31 4.44 -8.38
N GLN A 170 1.52 5.48 -8.62
CA GLN A 170 1.89 6.50 -9.58
C GLN A 170 3.30 6.99 -9.35
N ASP A 171 4.11 7.04 -10.39
CA ASP A 171 5.49 7.49 -10.26
C ASP A 171 5.52 8.98 -9.88
N SER A 172 6.33 9.34 -8.90
CA SER A 172 6.43 10.72 -8.46
C SER A 172 7.04 11.68 -9.49
N LYS A 173 7.93 11.17 -10.36
CA LYS A 173 8.58 11.99 -11.38
C LYS A 173 7.80 12.12 -12.68
N ASP A 174 7.31 11.02 -13.23
CA ASP A 174 6.59 11.12 -14.49
C ASP A 174 5.10 10.87 -14.43
N SER A 175 4.60 10.51 -13.25
CA SER A 175 3.17 10.28 -13.05
C SER A 175 2.53 9.12 -13.80
N THR A 176 3.33 8.15 -14.21
CA THR A 176 2.79 7.00 -14.93
C THR A 176 2.69 5.82 -13.98
N TYR A 177 2.08 4.76 -14.46
CA TYR A 177 1.93 3.55 -13.68
C TYR A 177 2.65 2.43 -14.39
N SER A 178 3.03 1.41 -13.65
CA SER A 178 3.68 0.24 -14.24
C SER A 178 3.07 -0.99 -13.63
N MET A 179 3.16 -2.10 -14.33
CA MET A 179 2.55 -3.32 -13.86
C MET A 179 3.35 -4.55 -14.27
N SER A 180 3.29 -5.58 -13.44
CA SER A 180 3.98 -6.84 -13.70
C SER A 180 2.92 -7.92 -13.65
N SER A 181 2.96 -8.88 -14.58
CA SER A 181 2.01 -9.99 -14.60
C SER A 181 2.83 -11.25 -14.83
N THR A 182 2.68 -12.22 -13.93
CA THR A 182 3.43 -13.45 -14.02
C THR A 182 2.49 -14.66 -14.08
N LEU A 183 2.76 -15.55 -15.03
CA LEU A 183 1.99 -16.77 -15.17
C LEU A 183 2.95 -17.86 -14.71
N THR A 184 2.60 -18.58 -13.64
CA THR A 184 3.46 -19.64 -13.16
C THR A 184 2.88 -21.01 -13.48
N LEU A 185 3.71 -21.90 -14.01
CA LEU A 185 3.29 -23.22 -14.40
C LEU A 185 4.39 -24.17 -14.03
N THR A 186 4.12 -25.47 -14.14
CA THR A 186 5.16 -26.46 -13.87
C THR A 186 5.88 -26.59 -15.22
N LYS A 187 7.08 -27.16 -15.24
CA LYS A 187 7.83 -27.32 -16.49
C LYS A 187 7.04 -28.20 -17.47
N ASP A 188 6.45 -29.28 -16.97
CA ASP A 188 5.66 -30.17 -17.81
C ASP A 188 4.53 -29.47 -18.54
N GLU A 189 3.75 -28.68 -17.80
CA GLU A 189 2.65 -27.91 -18.39
C GLU A 189 3.23 -26.96 -19.44
N TYR A 190 4.31 -26.27 -19.06
CA TYR A 190 4.97 -25.31 -19.92
C TYR A 190 5.37 -25.91 -21.26
N GLU A 191 5.92 -27.11 -21.22
CA GLU A 191 6.35 -27.79 -22.43
C GLU A 191 5.26 -28.42 -23.27
N ARG A 192 4.02 -28.38 -22.79
CA ARG A 192 2.88 -28.92 -23.52
C ARG A 192 2.35 -27.86 -24.48
N HIS A 193 2.86 -26.64 -24.35
CA HIS A 193 2.39 -25.55 -25.18
C HIS A 193 3.51 -24.84 -25.87
N ASN A 194 3.18 -24.10 -26.93
CA ASN A 194 4.18 -23.39 -27.68
C ASN A 194 4.06 -21.86 -27.67
N SER A 195 2.88 -21.37 -27.98
CA SER A 195 2.63 -19.93 -28.04
C SER A 195 2.16 -19.32 -26.72
N TYR A 196 2.89 -18.30 -26.27
CA TYR A 196 2.59 -17.60 -25.04
C TYR A 196 2.42 -16.14 -25.38
N THR A 197 1.25 -15.61 -25.06
CA THR A 197 0.90 -14.26 -25.37
C THR A 197 0.44 -13.46 -24.16
N CYS A 198 0.98 -12.26 -24.03
CA CYS A 198 0.62 -11.35 -22.96
C CYS A 198 -0.10 -10.26 -23.73
N GLU A 199 -1.39 -10.09 -23.47
CA GLU A 199 -2.19 -9.11 -24.20
C GLU A 199 -2.77 -8.01 -23.31
N ALA A 200 -2.56 -6.75 -23.69
CA ALA A 200 -3.07 -5.65 -22.87
C ALA A 200 -4.04 -4.75 -23.61
N THR A 201 -5.14 -4.43 -22.96
CA THR A 201 -6.10 -3.52 -23.56
C THR A 201 -5.98 -2.24 -22.74
N HIS A 202 -5.75 -1.13 -23.42
CA HIS A 202 -5.57 0.14 -22.75
C HIS A 202 -6.26 1.23 -23.55
N LYS A 203 -6.68 2.29 -22.88
CA LYS A 203 -7.36 3.42 -23.49
C LYS A 203 -6.63 4.03 -24.70
N THR A 204 -5.31 3.92 -24.72
CA THR A 204 -4.48 4.49 -25.79
C THR A 204 -4.57 3.83 -27.16
N SER A 205 -5.18 2.66 -27.27
CA SER A 205 -5.29 2.01 -28.57
C SER A 205 -6.59 1.22 -28.68
N THR A 206 -7.15 1.19 -29.88
CA THR A 206 -8.39 0.46 -30.15
C THR A 206 -8.11 -1.02 -30.37
N SER A 207 -6.83 -1.35 -30.54
CA SER A 207 -6.44 -2.74 -30.74
C SER A 207 -5.53 -3.13 -29.57
N PRO A 208 -5.66 -4.37 -29.08
CA PRO A 208 -4.85 -4.85 -27.97
C PRO A 208 -3.36 -4.77 -28.25
N ILE A 209 -2.58 -4.50 -27.22
CA ILE A 209 -1.14 -4.45 -27.33
C ILE A 209 -0.76 -5.90 -27.06
N VAL A 210 -0.08 -6.53 -27.99
CA VAL A 210 0.25 -7.94 -27.87
C VAL A 210 1.73 -8.27 -27.94
N LYS A 211 2.21 -9.12 -27.02
CA LYS A 211 3.60 -9.57 -27.05
C LYS A 211 3.57 -11.07 -26.86
N SER A 212 4.32 -11.78 -27.71
CA SER A 212 4.36 -13.22 -27.65
C SER A 212 5.73 -13.79 -27.90
N PHE A 213 5.81 -15.09 -27.73
CA PHE A 213 7.02 -15.84 -28.01
C PHE A 213 6.56 -17.27 -28.19
N ASN A 214 7.31 -18.01 -29.00
CA ASN A 214 7.01 -19.41 -29.21
C ASN A 214 8.16 -20.15 -28.55
N ARG A 215 7.84 -21.23 -27.83
CA ARG A 215 8.88 -22.04 -27.17
C ARG A 215 9.92 -22.47 -28.19
N ALA A 216 9.46 -22.64 -29.43
CA ALA A 216 10.25 -22.98 -30.59
C ALA A 216 9.26 -23.46 -31.66
N ASP B 1 7.47 18.56 21.52
CA ASP B 1 6.10 18.15 21.09
C ASP B 1 5.97 16.68 21.49
N VAL B 2 4.79 16.09 21.32
CA VAL B 2 4.58 14.70 21.68
C VAL B 2 4.96 13.78 20.53
N GLN B 3 5.52 12.62 20.86
CA GLN B 3 5.93 11.65 19.86
C GLN B 3 5.51 10.26 20.33
N LEU B 4 4.92 9.48 19.44
CA LEU B 4 4.46 8.15 19.78
C LEU B 4 5.26 7.16 18.96
N GLN B 5 5.60 6.01 19.54
CA GLN B 5 6.39 5.01 18.82
C GLN B 5 5.96 3.59 19.15
N GLN B 6 5.55 2.85 18.12
CA GLN B 6 5.10 1.46 18.23
C GLN B 6 6.30 0.54 18.15
N SER B 7 6.30 -0.53 18.92
CA SER B 7 7.39 -1.50 18.89
C SER B 7 6.79 -2.86 19.26
N GLY B 8 7.36 -3.91 18.71
CA GLY B 8 6.84 -5.22 19.02
C GLY B 8 7.30 -6.14 17.91
N PRO B 9 7.01 -7.43 18.02
CA PRO B 9 7.44 -8.35 16.98
C PRO B 9 6.85 -8.01 15.61
N ASP B 10 7.63 -8.23 14.54
CA ASP B 10 7.12 -7.97 13.20
C ASP B 10 6.56 -9.26 12.59
N LEU B 11 6.74 -10.37 13.29
CA LEU B 11 6.28 -11.66 12.79
C LEU B 11 5.68 -12.48 13.93
N VAL B 12 4.47 -12.97 13.73
CA VAL B 12 3.78 -13.77 14.73
C VAL B 12 3.21 -14.95 13.96
N LYS B 13 3.09 -16.10 14.62
CA LYS B 13 2.54 -17.29 14.01
C LYS B 13 1.05 -17.36 14.29
N PRO B 14 0.28 -18.00 13.40
CA PRO B 14 -1.17 -18.10 13.62
C PRO B 14 -1.51 -18.73 14.98
N SER B 15 -2.64 -18.28 15.53
CA SER B 15 -3.17 -18.69 16.84
C SER B 15 -2.39 -18.22 18.07
N GLN B 16 -1.25 -17.56 17.87
CA GLN B 16 -0.45 -17.03 18.96
C GLN B 16 -1.00 -15.65 19.31
N SER B 17 -0.34 -14.96 20.23
CA SER B 17 -0.75 -13.64 20.67
C SER B 17 0.18 -12.55 20.20
N LEU B 18 -0.39 -11.46 19.71
CA LEU B 18 0.38 -10.32 19.25
C LEU B 18 0.37 -9.29 20.38
N SER B 19 1.54 -8.78 20.74
CA SER B 19 1.64 -7.76 21.79
C SER B 19 2.48 -6.60 21.28
N LEU B 20 1.90 -5.41 21.28
CA LEU B 20 2.63 -4.25 20.81
C LEU B 20 2.66 -3.23 21.92
N THR B 21 3.67 -2.36 21.87
CA THR B 21 3.87 -1.31 22.87
C THR B 21 3.89 0.02 22.14
N CYS B 22 3.32 1.04 22.77
CA CYS B 22 3.33 2.39 22.20
C CYS B 22 4.01 3.19 23.29
N THR B 23 5.17 3.73 22.99
CA THR B 23 5.91 4.55 23.96
C THR B 23 5.61 5.99 23.61
N VAL B 24 5.26 6.77 24.62
CA VAL B 24 4.95 8.18 24.43
C VAL B 24 6.04 9.03 25.05
N THR B 25 6.50 10.01 24.31
CA THR B 25 7.55 10.88 24.78
C THR B 25 7.08 12.33 24.68
N GLY B 26 7.45 13.14 25.67
CA GLY B 26 7.10 14.54 25.65
C GLY B 26 5.69 14.90 26.09
N TYR B 27 4.97 13.93 26.65
CA TYR B 27 3.59 14.13 27.08
C TYR B 27 3.30 12.91 27.94
N SER B 28 2.66 13.08 29.09
CA SER B 28 2.40 11.90 29.90
C SER B 28 1.06 11.29 29.51
N ILE B 29 0.97 9.98 29.57
CA ILE B 29 -0.26 9.33 29.20
C ILE B 29 -1.43 9.66 30.12
N THR B 30 -1.16 10.08 31.36
CA THR B 30 -2.25 10.42 32.27
C THR B 30 -2.94 11.76 31.92
N SER B 31 -2.30 12.55 31.06
CA SER B 31 -2.84 13.83 30.63
C SER B 31 -3.73 13.75 29.40
N GLY B 32 -3.54 12.72 28.59
CA GLY B 32 -4.33 12.62 27.38
C GLY B 32 -5.71 12.11 27.67
N TYR B 33 -6.68 12.53 26.86
CA TYR B 33 -8.06 12.08 26.98
C TYR B 33 -8.20 10.57 26.76
N SER B 34 -7.64 10.09 25.65
CA SER B 34 -7.70 8.69 25.31
C SER B 34 -6.54 8.32 24.44
N TRP B 35 -6.16 7.05 24.50
CA TRP B 35 -5.04 6.53 23.74
C TRP B 35 -5.56 5.35 22.94
N HIS B 36 -5.41 5.44 21.62
CA HIS B 36 -5.94 4.46 20.68
C HIS B 36 -5.00 3.54 19.89
N TRP B 37 -5.55 2.42 19.42
CA TRP B 37 -4.81 1.52 18.55
C TRP B 37 -5.67 1.45 17.30
N ILE B 38 -5.05 1.66 16.15
CA ILE B 38 -5.77 1.62 14.87
C ILE B 38 -4.91 0.75 13.96
N ARG B 39 -5.49 -0.05 13.10
CA ARG B 39 -4.63 -0.82 12.20
C ARG B 39 -5.01 -0.57 10.75
N GLN B 40 -4.04 -0.66 9.86
CA GLN B 40 -4.29 -0.43 8.44
C GLN B 40 -3.93 -1.68 7.64
N PHE B 41 -4.89 -2.17 6.87
CA PHE B 41 -4.70 -3.36 6.06
C PHE B 41 -4.18 -3.03 4.67
N PRO B 42 -3.55 -4.03 4.01
CA PRO B 42 -3.05 -3.77 2.66
C PRO B 42 -4.32 -3.37 1.88
N GLY B 43 -4.25 -2.31 1.10
CA GLY B 43 -5.42 -1.86 0.37
C GLY B 43 -5.83 -0.54 0.99
N ASN B 44 -5.22 -0.24 2.13
CA ASN B 44 -5.40 1.00 2.89
C ASN B 44 -6.64 1.18 3.79
N LYS B 45 -7.40 0.12 4.04
CA LYS B 45 -8.57 0.21 4.90
C LYS B 45 -8.08 0.37 6.34
N LEU B 46 -8.61 1.37 7.02
CA LEU B 46 -8.28 1.65 8.40
C LEU B 46 -9.38 1.12 9.32
N GLU B 47 -8.98 0.34 10.31
CA GLU B 47 -9.91 -0.21 11.28
C GLU B 47 -9.46 0.23 12.67
N TRP B 48 -10.33 0.97 13.35
CA TRP B 48 -10.05 1.43 14.71
C TRP B 48 -10.19 0.18 15.58
N MET B 49 -9.27 -0.03 16.51
CA MET B 49 -9.34 -1.22 17.37
C MET B 49 -9.92 -0.98 18.76
N GLY B 50 -9.55 0.12 19.39
CA GLY B 50 -10.04 0.40 20.71
C GLY B 50 -9.16 1.42 21.40
N TYR B 51 -9.53 1.81 22.63
CA TYR B 51 -8.74 2.80 23.39
C TYR B 51 -8.85 2.63 24.89
N ILE B 52 -7.91 3.26 25.59
CA ILE B 52 -7.89 3.29 27.05
C ILE B 52 -8.07 4.77 27.34
N HIS B 53 -9.15 5.07 28.06
CA HIS B 53 -9.54 6.43 28.43
C HIS B 53 -8.74 6.94 29.64
N TYR B 54 -8.78 8.24 29.95
CA TYR B 54 -7.98 8.72 31.08
C TYR B 54 -8.34 8.08 32.42
N SER B 55 -9.59 7.62 32.53
CA SER B 55 -10.08 6.96 33.73
C SER B 55 -9.51 5.55 33.85
N ALA B 56 -8.81 5.12 32.80
CA ALA B 56 -8.22 3.78 32.71
C ALA B 56 -9.27 2.76 32.23
N GLY B 57 -10.48 3.25 31.92
CA GLY B 57 -11.52 2.39 31.41
C GLY B 57 -11.18 2.20 29.93
N THR B 58 -11.68 1.12 29.33
CA THR B 58 -11.35 0.87 27.93
C THR B 58 -12.62 0.64 27.12
N ASN B 59 -12.51 0.78 25.80
CA ASN B 59 -13.64 0.50 24.91
C ASN B 59 -13.03 -0.13 23.68
N TYR B 60 -13.63 -1.20 23.19
CA TYR B 60 -13.09 -1.92 22.04
C TYR B 60 -14.02 -2.00 20.86
N ASN B 61 -13.46 -2.26 19.68
CA ASN B 61 -14.30 -2.43 18.51
C ASN B 61 -14.99 -3.77 18.72
N PRO B 62 -16.33 -3.82 18.57
CA PRO B 62 -17.12 -5.05 18.76
C PRO B 62 -16.57 -6.25 17.98
N SER B 63 -15.95 -5.98 16.84
CA SER B 63 -15.36 -7.04 16.02
C SER B 63 -14.15 -7.70 16.67
N LEU B 64 -13.50 -6.96 17.57
CA LEU B 64 -12.30 -7.48 18.20
C LEU B 64 -12.44 -7.75 19.68
N LYS B 65 -13.58 -7.36 20.26
CA LYS B 65 -13.82 -7.51 21.70
C LYS B 65 -13.44 -8.85 22.35
N SER B 66 -13.72 -9.97 21.69
CA SER B 66 -13.41 -11.26 22.28
C SER B 66 -11.93 -11.59 22.42
N ARG B 67 -11.08 -10.90 21.68
CA ARG B 67 -9.67 -11.24 21.73
C ARG B 67 -8.71 -10.07 21.90
N ILE B 68 -9.20 -8.93 22.35
CA ILE B 68 -8.33 -7.76 22.50
C ILE B 68 -8.23 -7.26 23.92
N SER B 69 -7.10 -6.64 24.23
CA SER B 69 -6.90 -6.07 25.54
C SER B 69 -5.94 -4.89 25.40
N ILE B 70 -6.24 -3.79 26.09
CA ILE B 70 -5.41 -2.59 26.08
C ILE B 70 -5.15 -2.22 27.51
N THR B 71 -3.89 -2.00 27.86
CA THR B 71 -3.50 -1.62 29.21
C THR B 71 -2.50 -0.49 29.08
N ARG B 72 -2.14 0.11 30.20
CA ARG B 72 -1.19 1.22 30.21
C ARG B 72 -0.23 1.08 31.36
N ASP B 73 0.91 1.75 31.25
CA ASP B 73 1.92 1.73 32.28
C ASP B 73 2.26 3.19 32.48
N THR B 74 1.74 3.75 33.55
CA THR B 74 1.92 5.15 33.89
C THR B 74 3.36 5.56 34.15
N SER B 75 4.16 4.63 34.64
CA SER B 75 5.55 4.88 34.95
C SER B 75 6.44 4.92 33.72
N LYS B 76 6.34 3.91 32.86
CA LYS B 76 7.16 3.89 31.65
C LYS B 76 6.51 4.74 30.55
N ASN B 77 5.32 5.27 30.84
CA ASN B 77 4.58 6.12 29.91
C ASN B 77 4.31 5.38 28.60
N GLN B 78 3.71 4.21 28.73
CA GLN B 78 3.43 3.36 27.57
C GLN B 78 2.06 2.75 27.67
N PHE B 79 1.45 2.44 26.53
CA PHE B 79 0.19 1.72 26.55
C PHE B 79 0.38 0.52 25.60
N PHE B 80 -0.39 -0.54 25.83
CA PHE B 80 -0.16 -1.75 25.07
C PHE B 80 -1.38 -2.37 24.42
N LEU B 81 -1.12 -3.14 23.38
CA LEU B 81 -2.17 -3.83 22.67
C LEU B 81 -1.86 -5.31 22.73
N GLN B 82 -2.88 -6.09 23.07
CA GLN B 82 -2.74 -7.54 23.11
C GLN B 82 -3.89 -8.05 22.24
N LEU B 83 -3.57 -8.82 21.21
CA LEU B 83 -4.58 -9.37 20.32
C LEU B 83 -4.31 -10.86 20.33
N ASN B 84 -5.28 -11.65 20.78
CA ASN B 84 -5.10 -13.10 20.84
C ASN B 84 -5.61 -13.81 19.61
N SER B 85 -5.24 -15.08 19.47
CA SER B 85 -5.67 -15.92 18.38
C SER B 85 -5.61 -15.21 17.05
N VAL B 86 -4.42 -14.73 16.71
CA VAL B 86 -4.27 -14.03 15.44
C VAL B 86 -4.33 -15.00 14.28
N THR B 87 -4.79 -14.51 13.13
CA THR B 87 -4.88 -15.31 11.93
C THR B 87 -4.12 -14.49 10.89
N THR B 88 -3.91 -15.01 9.70
CA THR B 88 -3.18 -14.29 8.66
C THR B 88 -3.89 -12.99 8.30
N GLU B 89 -5.18 -12.93 8.62
CA GLU B 89 -6.05 -11.76 8.38
C GLU B 89 -5.66 -10.57 9.24
N ASP B 90 -4.87 -10.82 10.29
CA ASP B 90 -4.42 -9.78 11.22
C ASP B 90 -3.13 -9.11 10.74
N THR B 91 -2.64 -9.51 9.57
CA THR B 91 -1.44 -8.91 8.98
C THR B 91 -1.85 -7.49 8.65
N ALA B 92 -1.14 -6.51 9.18
CA ALA B 92 -1.48 -5.12 8.93
C ALA B 92 -0.46 -4.23 9.56
N THR B 93 -0.59 -2.93 9.32
CA THR B 93 0.30 -1.95 9.93
C THR B 93 -0.48 -1.44 11.14
N TYR B 94 0.15 -1.45 12.31
CA TYR B 94 -0.46 -1.03 13.56
C TYR B 94 0.04 0.32 14.02
N TYR B 95 -0.88 1.18 14.39
CA TYR B 95 -0.59 2.52 14.83
C TYR B 95 -1.21 2.84 16.19
N CYS B 96 -0.54 3.66 16.99
CA CYS B 96 -1.13 4.13 18.23
C CYS B 96 -1.38 5.60 17.98
N ALA B 97 -2.37 6.15 18.66
CA ALA B 97 -2.70 7.55 18.45
C ALA B 97 -3.27 8.17 19.73
N ARG B 98 -3.08 9.48 19.84
CA ARG B 98 -3.56 10.26 20.96
C ARG B 98 -4.81 11.00 20.55
N GLU B 99 -5.81 11.04 21.42
CA GLU B 99 -7.00 11.83 21.17
C GLU B 99 -6.84 12.97 22.17
N GLU B 100 -6.84 14.20 21.69
CA GLU B 100 -6.64 15.39 22.52
C GLU B 100 -7.73 16.44 22.22
N ALA B 101 -7.90 17.39 23.14
CA ALA B 101 -8.88 18.48 23.01
C ALA B 101 -8.31 19.58 22.11
N MET B 102 -8.97 19.85 21.00
CA MET B 102 -8.52 20.86 20.04
C MET B 102 -9.41 22.08 20.23
N PRO B 103 -8.86 23.29 20.01
CA PRO B 103 -9.64 24.53 20.16
C PRO B 103 -10.73 24.54 19.11
N TYR B 104 -11.95 24.82 19.53
CA TYR B 104 -13.09 24.81 18.62
C TYR B 104 -14.02 25.99 18.84
N GLY B 105 -14.58 26.52 17.75
CA GLY B 105 -15.50 27.65 17.82
C GLY B 105 -15.13 28.81 18.72
N ASN B 106 -16.04 29.17 19.60
CA ASN B 106 -15.79 30.27 20.52
C ASN B 106 -15.43 29.74 21.91
N GLN B 107 -14.14 29.59 22.15
CA GLN B 107 -13.64 29.08 23.43
C GLN B 107 -14.21 27.72 23.84
N ALA B 108 -14.32 26.82 22.88
CA ALA B 108 -14.84 25.49 23.12
C ALA B 108 -13.74 24.52 22.74
N TYR B 109 -13.93 23.24 23.02
CA TYR B 109 -12.93 22.24 22.67
C TYR B 109 -13.63 21.05 22.02
N TYR B 110 -12.89 20.37 21.17
CA TYR B 110 -13.40 19.23 20.41
C TYR B 110 -12.33 18.16 20.40
N TYR B 111 -12.69 16.94 20.75
CA TYR B 111 -11.71 15.84 20.80
C TYR B 111 -11.45 15.22 19.44
N ALA B 112 -10.17 15.01 19.12
CA ALA B 112 -9.77 14.39 17.86
C ALA B 112 -8.41 13.68 18.04
N MET B 113 -8.16 12.63 17.23
CA MET B 113 -6.90 11.90 17.29
C MET B 113 -5.95 12.76 16.47
N ASP B 114 -5.04 13.44 17.14
CA ASP B 114 -4.16 14.38 16.46
C ASP B 114 -2.72 13.97 16.27
N CYS B 115 -2.30 12.95 17.01
CA CYS B 115 -0.93 12.55 16.91
C CYS B 115 -0.87 11.04 16.81
N TRP B 116 -0.28 10.54 15.72
CA TRP B 116 -0.16 9.11 15.49
C TRP B 116 1.29 8.70 15.47
N GLY B 117 1.54 7.43 15.80
CA GLY B 117 2.90 6.94 15.77
C GLY B 117 3.28 6.73 14.31
N GLN B 118 4.51 6.25 14.09
CA GLN B 118 5.00 5.99 12.75
C GLN B 118 4.35 4.75 12.13
N GLY B 119 3.92 3.82 12.99
CA GLY B 119 3.28 2.60 12.52
C GLY B 119 4.26 1.45 12.56
N THR B 120 3.76 0.24 12.78
CA THR B 120 4.66 -0.90 12.79
C THR B 120 3.95 -2.03 12.03
N THR B 121 4.64 -2.59 11.04
CA THR B 121 4.09 -3.68 10.24
C THR B 121 4.21 -5.02 10.94
N VAL B 122 3.12 -5.77 10.97
CA VAL B 122 3.12 -7.08 11.59
C VAL B 122 2.64 -8.06 10.55
N THR B 123 3.32 -9.18 10.42
CA THR B 123 2.89 -10.19 9.47
C THR B 123 2.58 -11.40 10.32
N VAL B 124 1.47 -12.07 10.04
CA VAL B 124 1.12 -13.27 10.77
C VAL B 124 1.30 -14.37 9.76
N SER B 125 2.19 -15.31 10.01
CA SER B 125 2.41 -16.40 9.07
C SER B 125 3.12 -17.55 9.73
N SER B 126 2.91 -18.75 9.22
CA SER B 126 3.58 -19.92 9.77
C SER B 126 4.80 -20.30 8.90
N ALA B 127 5.06 -19.51 7.86
CA ALA B 127 6.18 -19.78 6.98
C ALA B 127 7.50 -19.69 7.69
N LYS B 128 8.48 -20.41 7.15
CA LYS B 128 9.83 -20.44 7.72
C LYS B 128 10.68 -19.46 6.93
N THR B 129 11.72 -18.95 7.55
CA THR B 129 12.62 -18.06 6.85
C THR B 129 13.18 -18.88 5.66
N THR B 130 12.90 -18.40 4.46
CA THR B 130 13.33 -19.06 3.23
C THR B 130 14.01 -18.05 2.30
N PRO B 131 15.18 -18.41 1.78
CA PRO B 131 15.91 -17.52 0.87
C PRO B 131 15.26 -17.51 -0.52
N PRO B 132 15.38 -16.40 -1.25
CA PRO B 132 14.78 -16.32 -2.59
C PRO B 132 15.54 -17.05 -3.68
N SER B 133 14.82 -17.42 -4.73
CA SER B 133 15.44 -18.03 -5.90
C SER B 133 15.44 -16.87 -6.87
N VAL B 134 16.61 -16.49 -7.38
CA VAL B 134 16.71 -15.37 -8.30
C VAL B 134 16.94 -15.82 -9.74
N TYR B 135 16.02 -15.48 -10.64
CA TYR B 135 16.14 -15.90 -12.03
C TYR B 135 16.35 -14.73 -12.97
N PRO B 136 17.33 -14.85 -13.88
CA PRO B 136 17.60 -13.76 -14.84
C PRO B 136 16.53 -13.77 -15.91
N LEU B 137 16.05 -12.58 -16.29
CA LEU B 137 15.05 -12.47 -17.34
C LEU B 137 15.67 -11.75 -18.54
N ALA B 138 16.06 -12.52 -19.55
CA ALA B 138 16.67 -12.01 -20.76
C ALA B 138 15.60 -11.95 -21.84
N PRO B 139 15.68 -10.95 -22.74
CA PRO B 139 14.71 -10.76 -23.82
C PRO B 139 14.39 -12.07 -24.49
N GLY B 140 13.12 -12.20 -24.84
CA GLY B 140 12.63 -13.38 -25.50
C GLY B 140 13.66 -14.21 -26.25
N SER B 141 14.31 -13.61 -27.23
CA SER B 141 15.29 -14.36 -27.98
C SER B 141 16.03 -13.49 -28.97
N ALA B 142 16.55 -12.35 -28.52
CA ALA B 142 17.29 -11.47 -29.43
C ALA B 142 17.70 -10.15 -28.78
N ALA B 143 17.58 -9.10 -29.59
CA ALA B 143 17.82 -7.71 -29.26
C ALA B 143 16.47 -7.19 -29.80
N GLN B 144 16.45 -6.03 -30.44
CA GLN B 144 15.19 -5.53 -31.02
C GLN B 144 15.23 -4.14 -31.63
N THR B 145 14.12 -3.81 -32.29
CA THR B 145 13.94 -2.55 -32.98
C THR B 145 14.07 -1.30 -32.10
N ASN B 146 15.11 -0.55 -32.41
CA ASN B 146 15.41 0.71 -31.74
C ASN B 146 15.90 0.65 -30.30
N SER B 147 16.53 1.75 -29.92
CA SER B 147 17.13 2.00 -28.63
C SER B 147 16.90 1.16 -27.39
N MET B 148 15.74 1.24 -26.78
CA MET B 148 15.53 0.53 -25.52
C MET B 148 15.25 -0.98 -25.47
N VAL B 149 15.95 -1.66 -24.59
CA VAL B 149 15.75 -3.09 -24.36
C VAL B 149 15.46 -3.28 -22.85
N THR B 150 14.40 -4.03 -22.55
CA THR B 150 14.02 -4.27 -21.15
C THR B 150 14.48 -5.63 -20.68
N LEU B 151 15.13 -5.65 -19.52
CA LEU B 151 15.62 -6.88 -18.95
C LEU B 151 14.93 -7.03 -17.59
N GLY B 152 15.01 -8.22 -17.01
CA GLY B 152 14.33 -8.40 -15.74
C GLY B 152 15.03 -9.36 -14.84
N CYS B 153 14.51 -9.43 -13.62
CA CYS B 153 15.03 -10.27 -12.58
C CYS B 153 13.85 -10.73 -11.73
N LEU B 154 13.62 -12.04 -11.67
CA LEU B 154 12.53 -12.61 -10.89
C LEU B 154 13.08 -13.13 -9.55
N VAL B 155 12.49 -12.66 -8.44
CA VAL B 155 12.89 -13.05 -7.09
C VAL B 155 11.73 -13.85 -6.53
N LYS B 156 11.84 -15.17 -6.61
CA LYS B 156 10.76 -16.04 -6.22
C LYS B 156 10.87 -16.86 -4.93
N GLY B 157 9.75 -17.00 -4.23
CA GLY B 157 9.66 -17.80 -3.01
C GLY B 157 10.54 -17.54 -1.81
N TYR B 158 10.47 -16.34 -1.25
CA TYR B 158 11.27 -16.01 -0.09
C TYR B 158 10.36 -15.66 1.05
N PHE B 159 10.93 -15.54 2.23
CA PHE B 159 10.19 -15.17 3.43
C PHE B 159 11.20 -14.84 4.51
N PRO B 160 11.05 -13.80 5.27
CA PRO B 160 9.91 -12.87 5.12
C PRO B 160 10.42 -11.71 4.26
N GLU B 161 9.60 -10.67 4.16
CA GLU B 161 9.98 -9.47 3.43
C GLU B 161 11.02 -8.78 4.30
N PRO B 162 11.91 -7.91 3.82
CA PRO B 162 11.92 -7.57 2.36
C PRO B 162 13.23 -8.02 1.71
N VAL B 163 13.28 -7.81 0.39
CA VAL B 163 14.49 -8.08 -0.35
C VAL B 163 14.86 -6.72 -0.91
N THR B 164 16.15 -6.53 -1.15
CA THR B 164 16.65 -5.30 -1.72
C THR B 164 17.14 -5.71 -3.11
N VAL B 165 16.73 -4.98 -4.13
CA VAL B 165 17.15 -5.31 -5.48
C VAL B 165 17.81 -4.10 -6.13
N THR B 166 19.03 -4.28 -6.64
CA THR B 166 19.72 -3.21 -7.33
C THR B 166 20.17 -3.76 -8.65
N TRP B 167 20.61 -2.87 -9.52
CA TRP B 167 21.09 -3.27 -10.83
C TRP B 167 22.48 -2.70 -10.94
N ASN B 168 23.43 -3.55 -11.30
CA ASN B 168 24.83 -3.13 -11.42
C ASN B 168 25.26 -2.41 -10.14
N SER B 169 25.01 -3.04 -9.00
CA SER B 169 25.38 -2.47 -7.70
C SER B 169 24.91 -1.06 -7.43
N GLY B 170 23.86 -0.62 -8.12
CA GLY B 170 23.36 0.73 -7.88
C GLY B 170 23.72 1.72 -8.97
N SER B 171 24.66 1.34 -9.84
CA SER B 171 25.07 2.19 -10.93
C SER B 171 23.90 2.43 -11.86
N LEU B 172 23.08 1.39 -12.11
CA LEU B 172 21.90 1.56 -12.94
C LEU B 172 20.74 1.95 -12.04
N SER B 173 20.29 3.21 -12.12
CA SER B 173 19.18 3.64 -11.30
C SER B 173 18.02 4.16 -12.14
N SER B 174 18.31 4.66 -13.33
CA SER B 174 17.25 5.15 -14.19
C SER B 174 16.61 4.01 -14.96
N GLY B 175 15.31 4.09 -15.20
CA GLY B 175 14.62 3.06 -15.95
C GLY B 175 14.41 1.75 -15.21
N VAL B 176 14.39 1.82 -13.89
CA VAL B 176 14.19 0.64 -13.06
C VAL B 176 12.80 0.65 -12.44
N HIS B 177 12.15 -0.51 -12.42
CA HIS B 177 10.82 -0.65 -11.82
C HIS B 177 10.88 -1.89 -10.96
N THR B 178 10.77 -1.73 -9.67
CA THR B 178 10.75 -2.91 -8.82
C THR B 178 9.31 -2.95 -8.34
N PHE B 179 8.66 -4.08 -8.53
CA PHE B 179 7.26 -4.24 -8.17
C PHE B 179 7.06 -4.77 -6.76
N PRO B 180 5.92 -4.42 -6.17
CA PRO B 180 5.60 -4.88 -4.81
C PRO B 180 5.49 -6.40 -4.78
N ALA B 181 6.00 -7.02 -3.73
CA ALA B 181 5.94 -8.46 -3.61
C ALA B 181 4.49 -8.92 -3.46
N VAL B 182 4.20 -10.13 -3.93
CA VAL B 182 2.87 -10.71 -3.82
C VAL B 182 3.04 -12.10 -3.21
N LEU B 183 2.06 -12.56 -2.44
CA LEU B 183 2.11 -13.87 -1.83
C LEU B 183 1.72 -14.96 -2.80
N GLN B 184 2.55 -15.99 -2.87
CA GLN B 184 2.35 -17.11 -3.76
C GLN B 184 2.52 -18.33 -2.85
N SER B 185 1.40 -18.80 -2.31
CA SER B 185 1.36 -19.94 -1.40
C SER B 185 2.36 -19.84 -0.25
N ASP B 186 2.14 -18.80 0.57
CA ASP B 186 2.92 -18.52 1.76
C ASP B 186 4.31 -17.97 1.58
N LEU B 187 4.73 -17.81 0.34
CA LEU B 187 6.05 -17.24 0.09
C LEU B 187 5.89 -16.03 -0.81
N TYR B 188 6.82 -15.10 -0.73
CA TYR B 188 6.75 -13.90 -1.54
C TYR B 188 7.45 -14.03 -2.89
N THR B 189 6.91 -13.36 -3.88
CA THR B 189 7.52 -13.33 -5.20
C THR B 189 7.45 -11.87 -5.61
N LEU B 190 8.57 -11.38 -6.11
CA LEU B 190 8.69 -10.01 -6.56
C LEU B 190 9.52 -9.99 -7.86
N SER B 191 9.34 -8.97 -8.71
CA SER B 191 10.13 -8.87 -9.93
C SER B 191 10.61 -7.44 -10.10
N SER B 192 11.67 -7.28 -10.88
CA SER B 192 12.26 -5.97 -11.13
C SER B 192 12.62 -5.85 -12.62
N SER B 193 12.33 -4.71 -13.23
CA SER B 193 12.73 -4.52 -14.61
C SER B 193 13.68 -3.33 -14.72
N VAL B 194 14.51 -3.38 -15.76
CA VAL B 194 15.43 -2.30 -16.06
C VAL B 194 15.40 -2.11 -17.58
N THR B 195 15.37 -0.85 -18.01
CA THR B 195 15.36 -0.56 -19.44
C THR B 195 16.66 0.19 -19.74
N VAL B 196 17.40 -0.35 -20.70
CA VAL B 196 18.70 0.20 -21.07
C VAL B 196 18.78 0.33 -22.60
N PRO B 197 19.72 1.16 -23.08
CA PRO B 197 19.88 1.32 -24.53
C PRO B 197 20.36 0.01 -25.16
N SER B 198 20.04 -0.20 -26.43
CA SER B 198 20.44 -1.40 -27.16
C SER B 198 21.95 -1.48 -27.31
N SER B 199 22.63 -0.35 -27.16
CA SER B 199 24.08 -0.32 -27.26
C SER B 199 24.79 -0.93 -26.04
N PRO B 200 24.21 -0.80 -24.83
CA PRO B 200 24.80 -1.37 -23.61
C PRO B 200 24.60 -2.87 -23.40
N ARG B 201 23.54 -3.46 -23.91
CA ARG B 201 23.38 -4.90 -23.65
C ARG B 201 22.97 -5.48 -24.98
N PRO B 202 23.50 -6.66 -25.43
CA PRO B 202 24.49 -7.45 -24.65
C PRO B 202 25.98 -7.17 -24.57
N SER B 203 26.41 -6.06 -25.19
CA SER B 203 27.82 -5.66 -25.20
C SER B 203 28.42 -5.44 -23.82
N GLU B 204 27.65 -4.80 -22.94
CA GLU B 204 28.06 -4.53 -21.56
C GLU B 204 27.25 -5.44 -20.67
N THR B 205 27.80 -5.78 -19.52
CA THR B 205 27.11 -6.66 -18.61
C THR B 205 26.16 -5.92 -17.69
N VAL B 206 24.96 -6.49 -17.53
CA VAL B 206 23.94 -5.96 -16.64
C VAL B 206 23.70 -7.05 -15.62
N THR B 207 23.72 -6.68 -14.34
CA THR B 207 23.57 -7.64 -13.25
C THR B 207 22.52 -7.21 -12.23
N CYS B 208 21.61 -8.10 -11.83
CA CYS B 208 20.69 -7.72 -10.76
C CYS B 208 21.27 -8.32 -9.47
N ASN B 209 21.35 -7.49 -8.44
CA ASN B 209 21.90 -7.86 -7.15
C ASN B 209 20.70 -7.95 -6.22
N VAL B 210 20.62 -9.06 -5.50
CA VAL B 210 19.49 -9.30 -4.61
C VAL B 210 19.99 -9.65 -3.22
N ALA B 211 19.49 -8.92 -2.23
CA ALA B 211 19.88 -9.18 -0.84
C ALA B 211 18.64 -9.50 0.00
N HIS B 212 18.70 -10.60 0.73
CA HIS B 212 17.60 -10.99 1.61
C HIS B 212 18.25 -11.05 2.98
N PRO B 213 18.19 -9.94 3.73
CA PRO B 213 18.75 -9.80 5.09
C PRO B 213 18.35 -10.92 6.06
N ALA B 214 17.06 -11.27 6.09
CA ALA B 214 16.57 -12.31 6.97
C ALA B 214 17.40 -13.59 6.91
N SER B 215 17.77 -14.02 5.70
CA SER B 215 18.55 -15.24 5.56
C SER B 215 20.03 -14.98 5.31
N SER B 216 20.39 -13.69 5.25
CA SER B 216 21.76 -13.23 4.99
C SER B 216 22.22 -13.58 3.57
N THR B 217 21.26 -13.74 2.68
CA THR B 217 21.49 -14.08 1.28
C THR B 217 21.83 -12.84 0.43
N LYS B 218 22.82 -13.00 -0.46
CA LYS B 218 23.24 -11.95 -1.41
C LYS B 218 23.49 -12.74 -2.68
N VAL B 219 22.78 -12.42 -3.75
CA VAL B 219 22.92 -13.13 -5.02
C VAL B 219 23.05 -12.12 -6.14
N ASP B 220 23.91 -12.40 -7.10
CA ASP B 220 24.08 -11.49 -8.22
C ASP B 220 23.91 -12.32 -9.47
N LYS B 221 22.89 -12.01 -10.28
CA LYS B 221 22.66 -12.74 -11.52
C LYS B 221 22.97 -11.86 -12.71
N LYS B 222 23.83 -12.35 -13.59
CA LYS B 222 24.20 -11.61 -14.79
C LYS B 222 23.15 -11.96 -15.84
N ILE B 223 22.59 -10.95 -16.50
CA ILE B 223 21.59 -11.21 -17.52
C ILE B 223 22.41 -11.48 -18.78
N VAL B 224 22.39 -12.74 -19.20
CA VAL B 224 23.12 -13.20 -20.36
C VAL B 224 22.11 -13.52 -21.44
N PRO B 225 22.46 -13.24 -22.70
CA PRO B 225 21.51 -13.53 -23.79
C PRO B 225 21.17 -15.03 -23.83
N ARG B 226 19.92 -15.31 -24.17
CA ARG B 226 19.43 -16.67 -24.23
C ARG B 226 20.08 -17.50 -25.35
N ASP B 227 20.65 -18.63 -24.97
CA ASP B 227 21.28 -19.54 -25.93
C ASP B 227 20.20 -20.51 -26.45
N CYS B 228 19.59 -20.17 -27.57
CA CYS B 228 18.56 -21.01 -28.18
C CYS B 228 19.14 -22.08 -29.09
N ARG C 6 -16.50 25.00 27.10
CA ARG C 6 -17.20 23.67 27.06
C ARG C 6 -16.54 22.70 26.08
N ILE C 7 -16.84 21.40 26.21
CA ILE C 7 -16.23 20.39 25.36
C ILE C 7 -17.22 19.57 24.55
N HIS C 8 -16.80 19.23 23.33
CA HIS C 8 -17.62 18.46 22.41
C HIS C 8 -17.15 17.03 22.26
N ILE C 9 -17.93 16.10 22.80
CA ILE C 9 -17.67 14.66 22.77
C ILE C 9 -18.91 14.05 22.14
N GLY C 10 -18.71 13.10 21.23
CA GLY C 10 -19.83 12.46 20.56
C GLY C 10 -20.75 11.80 21.57
N PRO C 11 -22.07 11.87 21.35
CA PRO C 11 -23.06 11.28 22.28
C PRO C 11 -22.96 9.77 22.41
N GLY C 12 -22.39 9.12 21.40
CA GLY C 12 -22.22 7.69 21.43
C GLY C 12 -20.87 7.24 21.94
N ARG C 13 -19.98 8.17 22.28
CA ARG C 13 -18.68 7.76 22.80
C ARG C 13 -18.93 7.07 24.14
N PHE C 15 -17.48 6.98 26.95
CA PHE C 15 -17.36 7.78 28.16
C PHE C 15 -17.91 9.20 28.06
N TYR C 16 -19.04 9.32 27.37
CA TYR C 16 -19.72 10.60 27.21
C TYR C 16 -20.26 11.06 28.57
#